data_5GJG
#
_entry.id   5GJG
#
_cell.length_a   58.030
_cell.length_b   133.220
_cell.length_c   146.750
_cell.angle_alpha   90.000
_cell.angle_beta   90.000
_cell.angle_gamma   90.000
#
_symmetry.space_group_name_H-M   'I 2 2 2'
#
loop_
_entity.id
_entity.type
_entity.pdbx_description
1 polymer 'TAK1 kinase - TAB1 chimera fusion protein'
2 non-polymer N-(2-isopropoxy-4-(4-methylpiperazine-1-carbonyl)phenyl)-2-(3-(phenylcarbamoyl)phenyl)thiazole-4-carboxamide
3 water water
#
_entity_poly.entity_id   1
_entity_poly.type   'polypeptide(L)'
_entity_poly.pdbx_seq_one_letter_code
;GPLHMIDYKEIEVEEVVGRGAFGVVCKAKWRAKDVAIKQIESESERKAFIVELRQLSRVNHPNIVKLYGACLNPVCLVME
YAEGGSLYNVLHGAEPLPYYTAAHAMSWCLQCSQGVAYLHSMQPKALIHRDLKPPNLLLVAGGTVLKICDFGTACDIQTH
MTNNKGSAAWMAPEVFEGSNYSEKCDVFSWGIILWEVITRRKPFDEIGGPAFRIMWAVHNGTRPPLIKNLPKPIESLMTR
CWSKDPSQRPSMEEIVKIMTHLMRYFPGADEPLQYPCQHSLPPGEDGRVEPYVDFAEFYRLWSVDHGEQSVVTAP
;
_entity_poly.pdbx_strand_id   A
#
loop_
_chem_comp.id
_chem_comp.type
_chem_comp.name
_chem_comp.formula
6V5 non-polymer N-(2-isopropoxy-4-(4-methylpiperazine-1-carbonyl)phenyl)-2-(3-(phenylcarbamoyl)phenyl)thiazole-4-carboxamide 'C32 H33 N5 O4 S'
#
# COMPACT_ATOMS: atom_id res chain seq x y z
N GLY A 1 -22.72 4.89 -7.47
CA GLY A 1 -23.90 5.47 -6.78
C GLY A 1 -23.57 5.68 -5.32
N PRO A 2 -24.47 6.34 -4.55
CA PRO A 2 -24.16 6.50 -3.12
C PRO A 2 -24.16 5.15 -2.36
N LEU A 3 -23.71 5.24 -1.12
CA LEU A 3 -23.42 4.08 -0.26
C LEU A 3 -24.72 3.60 0.35
N HIS A 4 -24.87 2.31 0.58
CA HIS A 4 -26.13 1.77 1.09
C HIS A 4 -26.21 1.87 2.60
N MET A 5 -27.45 2.00 3.11
CA MET A 5 -27.79 1.59 4.48
C MET A 5 -28.19 0.13 4.44
N ILE A 6 -27.60 -0.61 5.35
CA ILE A 6 -27.61 -2.06 5.33
C ILE A 6 -28.19 -2.60 6.66
N ASP A 7 -29.10 -3.56 6.53
CA ASP A 7 -29.66 -4.20 7.73
C ASP A 7 -28.57 -5.10 8.28
N TYR A 8 -28.16 -4.91 9.53
CA TYR A 8 -27.22 -5.84 10.17
C TYR A 8 -27.73 -7.31 10.16
N LYS A 9 -29.05 -7.50 10.25
CA LYS A 9 -29.68 -8.83 10.15
C LYS A 9 -29.24 -9.58 8.87
N GLU A 10 -28.99 -8.86 7.77
CA GLU A 10 -28.53 -9.44 6.48
C GLU A 10 -27.05 -9.95 6.47
N ILE A 11 -26.33 -9.85 7.60
CA ILE A 11 -24.89 -10.15 7.68
C ILE A 11 -24.60 -11.32 8.61
N GLU A 12 -24.14 -12.44 8.03
CA GLU A 12 -23.59 -13.56 8.81
C GLU A 12 -22.08 -13.31 9.04
N VAL A 13 -21.72 -13.04 10.30
CA VAL A 13 -20.34 -12.78 10.73
C VAL A 13 -19.52 -14.07 10.96
N GLU A 14 -18.51 -14.34 10.12
CA GLU A 14 -17.55 -15.47 10.30
C GLU A 14 -16.33 -14.97 11.11
N GLU A 15 -15.21 -15.70 11.06
CA GLU A 15 -13.96 -15.35 11.80
C GLU A 15 -13.56 -13.85 11.91
N VAL A 16 -12.84 -13.51 12.99
CA VAL A 16 -12.04 -12.27 12.99
C VAL A 16 -10.80 -12.44 12.05
N VAL A 17 -10.51 -11.44 11.21
CA VAL A 17 -9.32 -11.47 10.31
C VAL A 17 -8.15 -10.52 10.66
N GLY A 18 -8.39 -9.55 11.55
CA GLY A 18 -7.40 -8.56 11.95
C GLY A 18 -7.92 -7.70 13.10
N ARG A 19 -7.24 -7.75 14.24
CA ARG A 19 -7.48 -6.89 15.41
C ARG A 19 -6.23 -6.01 15.48
N GLY A 20 -6.40 -4.70 15.36
CA GLY A 20 -5.27 -3.75 15.47
C GLY A 20 -5.75 -2.37 15.88
N ALA A 21 -4.93 -1.35 15.58
CA ALA A 21 -5.26 0.06 15.90
C ALA A 21 -6.60 0.51 15.31
N PHE A 22 -6.79 0.28 14.01
CA PHE A 22 -8.08 0.45 13.28
C PHE A 22 -9.35 -0.02 14.04
N GLY A 23 -9.22 -1.08 14.86
CA GLY A 23 -10.34 -1.66 15.62
C GLY A 23 -10.34 -3.18 15.44
N VAL A 24 -11.50 -3.73 15.07
CA VAL A 24 -11.59 -5.15 14.67
C VAL A 24 -12.23 -5.30 13.31
N VAL A 25 -11.74 -6.30 12.54
CA VAL A 25 -12.24 -6.59 11.21
C VAL A 25 -12.54 -8.08 11.08
N CYS A 26 -13.62 -8.43 10.37
CA CYS A 26 -14.07 -9.84 10.30
C CYS A 26 -14.49 -10.21 8.92
N LYS A 27 -14.37 -11.49 8.61
CA LYS A 27 -14.99 -11.99 7.40
C LYS A 27 -16.50 -12.05 7.61
N ALA A 28 -17.25 -12.06 6.52
CA ALA A 28 -18.70 -12.12 6.58
C ALA A 28 -19.32 -12.44 5.19
N LYS A 29 -20.58 -12.87 5.20
CA LYS A 29 -21.38 -13.00 3.96
C LYS A 29 -22.51 -11.94 4.02
N TRP A 30 -22.87 -11.37 2.85
CA TRP A 30 -23.92 -10.35 2.75
C TRP A 30 -24.53 -10.31 1.34
N ARG A 31 -25.82 -10.68 1.21
CA ARG A 31 -26.45 -10.92 -0.09
C ARG A 31 -25.53 -11.96 -0.80
N ALA A 32 -25.13 -12.98 -0.02
CA ALA A 32 -24.02 -13.95 -0.32
C ALA A 32 -22.76 -13.48 -1.14
N LYS A 33 -22.42 -12.18 -1.13
CA LYS A 33 -21.07 -11.69 -1.42
C LYS A 33 -20.25 -11.95 -0.17
N ASP A 34 -18.99 -12.33 -0.33
CA ASP A 34 -18.03 -12.25 0.78
C ASP A 34 -17.76 -10.77 1.11
N VAL A 35 -17.75 -10.44 2.40
CA VAL A 35 -17.40 -9.06 2.84
C VAL A 35 -16.51 -9.06 4.07
N ALA A 36 -15.91 -7.90 4.30
CA ALA A 36 -15.18 -7.61 5.50
C ALA A 36 -15.99 -6.54 6.16
N ILE A 37 -16.15 -6.66 7.47
CA ILE A 37 -16.78 -5.59 8.25
C ILE A 37 -15.90 -5.15 9.39
N LYS A 38 -15.98 -3.86 9.67
CA LYS A 38 -15.23 -3.27 10.72
C LYS A 38 -16.18 -2.43 11.51
N GLN A 39 -16.33 -2.77 12.78
CA GLN A 39 -17.02 -1.85 13.69
C GLN A 39 -16.22 -0.56 13.77
N ILE A 40 -16.90 0.56 13.53
CA ILE A 40 -16.45 1.88 13.98
C ILE A 40 -16.60 1.86 15.53
N GLU A 41 -15.46 2.04 16.20
CA GLU A 41 -15.36 1.96 17.66
C GLU A 41 -15.84 3.27 18.32
N SER A 42 -15.31 4.40 17.83
CA SER A 42 -15.40 5.67 18.52
C SER A 42 -16.56 6.61 18.06
N GLU A 43 -16.75 7.71 18.81
CA GLU A 43 -17.46 8.91 18.32
C GLU A 43 -16.57 9.70 17.34
N SER A 44 -15.25 9.49 17.40
CA SER A 44 -14.27 10.19 16.54
C SER A 44 -14.29 9.83 15.05
N GLU A 45 -14.18 8.54 14.70
CA GLU A 45 -14.17 8.08 13.29
C GLU A 45 -15.59 8.07 12.72
N ARG A 46 -16.57 7.69 13.58
CA ARG A 46 -18.00 7.83 13.25
C ARG A 46 -18.19 9.20 12.58
N LYS A 47 -17.68 10.26 13.21
CA LYS A 47 -17.89 11.65 12.76
C LYS A 47 -17.23 12.03 11.41
N ALA A 48 -16.04 11.53 11.11
CA ALA A 48 -15.26 11.97 9.92
C ALA A 48 -15.60 11.19 8.63
N PHE A 49 -15.96 9.93 8.82
CA PHE A 49 -16.68 9.16 7.82
C PHE A 49 -17.90 9.95 7.30
N ILE A 50 -18.65 10.52 8.24
CA ILE A 50 -19.88 11.28 8.02
C ILE A 50 -19.67 12.65 7.34
N VAL A 51 -18.57 13.37 7.64
CA VAL A 51 -18.29 14.65 6.90
C VAL A 51 -17.89 14.36 5.45
N GLU A 52 -17.33 13.17 5.20
CA GLU A 52 -16.78 12.79 3.90
C GLU A 52 -17.66 11.87 3.04
N LEU A 53 -18.93 11.64 3.42
CA LEU A 53 -19.83 10.70 2.69
C LEU A 53 -19.90 10.94 1.19
N ARG A 54 -19.99 12.21 0.75
CA ARG A 54 -20.01 12.58 -0.67
C ARG A 54 -18.72 12.12 -1.39
N GLN A 55 -17.55 12.23 -0.74
CA GLN A 55 -16.26 11.77 -1.33
C GLN A 55 -16.13 10.20 -1.35
N LEU A 56 -16.33 9.54 -0.19
CA LEU A 56 -16.32 8.05 -0.12
C LEU A 56 -17.29 7.40 -1.09
N SER A 57 -18.48 7.99 -1.19
CA SER A 57 -19.48 7.61 -2.19
C SER A 57 -18.82 7.56 -3.57
N ARG A 58 -18.07 8.60 -3.91
CA ARG A 58 -17.59 8.80 -5.28
C ARG A 58 -16.34 7.93 -5.65
N VAL A 59 -15.63 7.35 -4.67
CA VAL A 59 -14.45 6.50 -4.95
C VAL A 59 -14.86 5.20 -5.55
N ASN A 60 -14.26 4.93 -6.68
CA ASN A 60 -14.50 3.70 -7.36
C ASN A 60 -13.27 3.45 -8.29
N HIS A 61 -12.49 2.42 -7.96
CA HIS A 61 -11.28 2.11 -8.71
C HIS A 61 -10.86 0.68 -8.42
N PRO A 62 -10.32 0.00 -9.43
CA PRO A 62 -9.97 -1.40 -9.20
C PRO A 62 -8.98 -1.69 -8.06
N ASN A 63 -8.13 -0.75 -7.72
CA ASN A 63 -7.07 -0.90 -6.71
C ASN A 63 -7.41 -0.15 -5.44
N ILE A 64 -8.70 0.09 -5.26
CA ILE A 64 -9.20 0.56 -3.99
C ILE A 64 -10.36 -0.36 -3.61
N VAL A 65 -10.37 -0.76 -2.36
CA VAL A 65 -11.36 -1.64 -1.81
C VAL A 65 -12.71 -1.00 -1.94
N LYS A 66 -13.66 -1.75 -2.46
CA LYS A 66 -15.05 -1.24 -2.62
C LYS A 66 -15.67 -1.09 -1.23
N LEU A 67 -16.22 0.11 -0.98
CA LEU A 67 -17.01 0.41 0.21
C LEU A 67 -18.50 0.26 -0.14
N TYR A 68 -19.13 -0.84 0.30
CA TYR A 68 -20.53 -1.15 -0.11
C TYR A 68 -21.52 -0.27 0.62
N GLY A 69 -21.21 0.08 1.86
CA GLY A 69 -22.08 0.90 2.66
C GLY A 69 -21.80 0.72 4.13
N ALA A 70 -22.82 0.98 4.95
CA ALA A 70 -22.72 0.82 6.40
C ALA A 70 -24.01 0.35 7.05
N CYS A 71 -23.87 -0.43 8.13
CA CYS A 71 -24.94 -0.66 9.09
C CYS A 71 -24.97 0.47 10.10
N LEU A 72 -26.14 0.69 10.71
CA LEU A 72 -26.29 1.70 11.77
C LEU A 72 -26.45 1.09 13.16
N ASN A 73 -26.78 -0.20 13.25
CA ASN A 73 -26.67 -0.87 14.54
C ASN A 73 -26.17 -2.30 14.43
N PRO A 74 -24.98 -2.58 15.00
CA PRO A 74 -24.04 -1.54 15.50
C PRO A 74 -23.54 -0.71 14.32
N VAL A 75 -22.97 0.47 14.54
CA VAL A 75 -22.39 1.21 13.39
C VAL A 75 -21.14 0.50 12.82
N CYS A 76 -21.23 -0.02 11.59
CA CYS A 76 -20.08 -0.61 10.96
C CYS A 76 -20.03 -0.45 9.45
N LEU A 77 -18.80 -0.29 8.94
CA LEU A 77 -18.54 -0.24 7.51
C LEU A 77 -18.59 -1.63 6.91
N VAL A 78 -19.07 -1.70 5.69
CA VAL A 78 -19.14 -2.95 4.97
C VAL A 78 -18.42 -2.79 3.66
N MET A 79 -17.48 -3.72 3.46
CA MET A 79 -16.41 -3.56 2.52
C MET A 79 -16.12 -4.84 1.79
N GLU A 80 -15.55 -4.64 0.60
CA GLU A 80 -14.99 -5.72 -0.20
C GLU A 80 -13.98 -6.52 0.64
N TYR A 81 -14.18 -7.84 0.65
CA TYR A 81 -13.25 -8.77 1.29
C TYR A 81 -12.05 -9.09 0.39
N ALA A 82 -10.86 -9.00 0.96
CA ALA A 82 -9.65 -9.39 0.22
C ALA A 82 -9.06 -10.66 0.82
N GLU A 83 -9.35 -11.78 0.17
CA GLU A 83 -8.91 -13.11 0.63
C GLU A 83 -7.39 -13.19 0.92
N GLY A 84 -6.58 -12.54 0.10
CA GLY A 84 -5.13 -12.45 0.30
C GLY A 84 -4.53 -11.78 1.53
N GLY A 85 -5.30 -10.96 2.25
CA GLY A 85 -4.77 -10.20 3.40
C GLY A 85 -3.76 -9.11 3.03
N SER A 86 -2.96 -8.65 4.00
CA SER A 86 -2.11 -7.50 3.76
C SER A 86 -0.81 -7.80 2.99
N LEU A 87 -0.35 -6.82 2.24
CA LEU A 87 0.96 -6.89 1.68
C LEU A 87 1.97 -7.06 2.81
N TYR A 88 1.80 -6.36 3.92
CA TYR A 88 2.81 -6.45 5.02
C TYR A 88 3.02 -7.91 5.44
N ASN A 89 1.90 -8.57 5.55
CA ASN A 89 1.88 -9.95 5.86
C ASN A 89 2.49 -10.86 4.85
N VAL A 90 2.19 -10.66 3.57
CA VAL A 90 2.93 -11.40 2.53
C VAL A 90 4.44 -11.16 2.64
N LEU A 91 4.83 -9.91 2.89
CA LEU A 91 6.25 -9.60 2.87
C LEU A 91 6.95 -10.10 4.08
N HIS A 92 6.36 -9.87 5.26
CA HIS A 92 7.05 -10.06 6.56
C HIS A 92 6.35 -10.93 7.60
N GLY A 93 5.24 -11.58 7.25
CA GLY A 93 4.48 -12.43 8.15
C GLY A 93 5.17 -13.71 8.63
N ALA A 94 4.31 -14.61 9.11
CA ALA A 94 4.81 -15.83 9.71
C ALA A 94 5.14 -16.80 8.63
N GLU A 95 6.26 -17.50 8.84
CA GLU A 95 6.64 -18.63 7.98
C GLU A 95 5.48 -19.63 8.04
N PRO A 96 5.14 -20.33 6.95
CA PRO A 96 5.80 -20.25 5.65
C PRO A 96 5.32 -19.00 4.82
N LEU A 97 6.29 -18.21 4.37
CA LEU A 97 6.00 -17.07 3.48
C LEU A 97 6.16 -17.39 1.98
N PRO A 98 5.39 -16.73 1.12
CA PRO A 98 5.46 -17.04 -0.28
C PRO A 98 6.62 -16.38 -0.98
N TYR A 99 7.19 -17.11 -1.90
CA TYR A 99 8.03 -16.61 -2.96
C TYR A 99 7.27 -15.59 -3.82
N TYR A 100 7.98 -14.57 -4.27
CA TYR A 100 7.53 -13.66 -5.29
C TYR A 100 8.72 -13.09 -6.09
N THR A 101 8.39 -12.42 -7.19
CA THR A 101 9.30 -12.04 -8.21
C THR A 101 9.40 -10.52 -8.27
N ALA A 102 10.50 -10.06 -8.83
CA ALA A 102 10.59 -8.66 -9.23
C ALA A 102 9.30 -8.21 -9.93
N ALA A 103 8.69 -9.08 -10.74
CA ALA A 103 7.55 -8.64 -11.49
C ALA A 103 6.41 -8.33 -10.56
N HIS A 104 6.24 -9.18 -9.56
CA HIS A 104 5.23 -8.97 -8.54
C HIS A 104 5.46 -7.63 -7.77
N ALA A 105 6.71 -7.39 -7.45
CA ALA A 105 7.08 -6.23 -6.69
C ALA A 105 6.72 -5.01 -7.42
N MET A 106 7.06 -4.98 -8.69
CA MET A 106 6.80 -3.78 -9.51
C MET A 106 5.30 -3.67 -9.75
N SER A 107 4.65 -4.78 -9.97
CA SER A 107 3.23 -4.73 -10.22
C SER A 107 2.43 -4.13 -9.03
N TRP A 108 2.67 -4.67 -7.85
CA TRP A 108 2.07 -4.16 -6.62
C TRP A 108 2.27 -2.68 -6.52
N CYS A 109 3.50 -2.23 -6.67
CA CYS A 109 3.82 -0.81 -6.61
C CYS A 109 3.13 -0.01 -7.69
N LEU A 110 3.01 -0.58 -8.88
CA LEU A 110 2.23 0.08 -9.94
C LEU A 110 0.79 0.18 -9.55
N GLN A 111 0.22 -0.91 -9.09
CA GLN A 111 -1.21 -0.87 -8.67
C GLN A 111 -1.44 0.12 -7.53
N CYS A 112 -0.52 0.20 -6.59
CA CYS A 112 -0.66 1.13 -5.51
C CYS A 112 -0.72 2.51 -6.08
N SER A 113 0.26 2.84 -6.91
CA SER A 113 0.27 4.13 -7.53
C SER A 113 -0.95 4.43 -8.40
N GLN A 114 -1.59 3.46 -9.03
CA GLN A 114 -2.81 3.76 -9.78
C GLN A 114 -3.98 4.21 -8.88
N GLY A 115 -4.19 3.48 -7.81
CA GLY A 115 -5.20 3.79 -6.86
C GLY A 115 -4.94 5.14 -6.23
N VAL A 116 -3.70 5.42 -5.85
CA VAL A 116 -3.41 6.68 -5.22
C VAL A 116 -3.58 7.82 -6.23
N ALA A 117 -3.10 7.61 -7.46
CA ALA A 117 -3.24 8.66 -8.46
C ALA A 117 -4.71 9.11 -8.60
N TYR A 118 -5.59 8.12 -8.55
CA TYR A 118 -7.00 8.33 -8.63
C TYR A 118 -7.47 9.18 -7.48
N LEU A 119 -7.11 8.83 -6.25
CA LEU A 119 -7.50 9.67 -5.11
C LEU A 119 -6.92 11.08 -5.24
N HIS A 120 -5.70 11.21 -5.73
CA HIS A 120 -5.21 12.57 -5.92
C HIS A 120 -5.96 13.39 -6.99
N SER A 121 -6.66 12.72 -7.89
CA SER A 121 -7.32 13.33 -9.02
C SER A 121 -8.79 13.55 -8.73
N MET A 122 -9.22 13.22 -7.53
CA MET A 122 -10.60 13.46 -7.15
C MET A 122 -10.93 14.95 -7.27
N GLN A 123 -12.15 15.25 -7.74
CA GLN A 123 -12.61 16.65 -7.93
C GLN A 123 -13.83 16.91 -7.05
N PRO A 124 -13.84 17.97 -6.25
CA PRO A 124 -12.87 19.09 -6.27
C PRO A 124 -11.82 19.05 -5.18
N LYS A 125 -12.06 18.30 -4.10
CA LYS A 125 -11.02 18.08 -3.10
C LYS A 125 -10.28 16.76 -3.47
N ALA A 126 -8.98 16.86 -3.78
CA ALA A 126 -8.07 15.70 -3.84
C ALA A 126 -7.95 14.97 -2.49
N LEU A 127 -8.40 13.73 -2.42
CA LEU A 127 -8.09 12.87 -1.28
C LEU A 127 -6.58 12.48 -1.17
N ILE A 128 -6.02 12.73 -0.01
CA ILE A 128 -4.68 12.38 0.35
C ILE A 128 -4.75 11.27 1.39
N HIS A 129 -4.02 10.18 1.17
CA HIS A 129 -4.05 9.03 2.06
C HIS A 129 -3.39 9.25 3.43
N ARG A 130 -2.24 9.93 3.45
CA ARG A 130 -1.49 10.28 4.65
C ARG A 130 -0.89 9.06 5.37
N ASP A 131 -1.46 7.89 5.16
CA ASP A 131 -0.99 6.69 5.86
C ASP A 131 -0.70 5.49 4.96
N LEU A 132 0.03 5.70 3.89
CA LEU A 132 0.12 4.69 2.88
C LEU A 132 1.21 3.74 3.29
N LYS A 133 0.91 2.45 3.47
CA LYS A 133 1.93 1.49 3.91
C LYS A 133 1.45 0.07 3.74
N PRO A 134 2.35 -0.90 3.75
CA PRO A 134 1.92 -2.24 3.35
C PRO A 134 0.81 -2.86 4.18
N PRO A 135 0.69 -2.49 5.48
CA PRO A 135 -0.47 -3.03 6.20
C PRO A 135 -1.82 -2.57 5.70
N ASN A 136 -1.88 -1.52 4.88
CA ASN A 136 -3.15 -1.09 4.29
C ASN A 136 -3.28 -1.48 2.86
N LEU A 137 -2.42 -2.35 2.38
CA LEU A 137 -2.51 -2.74 1.01
C LEU A 137 -2.89 -4.19 1.10
N LEU A 138 -3.95 -4.54 0.41
CA LEU A 138 -4.50 -5.86 0.50
C LEU A 138 -4.43 -6.48 -0.86
N LEU A 139 -4.41 -7.79 -0.86
CA LEU A 139 -4.19 -8.56 -2.04
C LEU A 139 -5.34 -9.49 -2.29
N VAL A 140 -5.71 -9.62 -3.55
CA VAL A 140 -6.67 -10.65 -4.05
C VAL A 140 -6.13 -11.30 -5.34
N ALA A 141 -6.91 -12.21 -5.91
CA ALA A 141 -6.52 -12.91 -7.17
C ALA A 141 -5.17 -13.60 -7.03
N GLY A 142 -5.04 -14.36 -5.96
CA GLY A 142 -3.82 -15.12 -5.69
C GLY A 142 -2.62 -14.27 -5.46
N GLY A 143 -2.81 -13.10 -4.88
CA GLY A 143 -1.65 -12.22 -4.59
C GLY A 143 -1.31 -11.22 -5.67
N THR A 144 -2.02 -11.31 -6.79
CA THR A 144 -1.65 -10.58 -7.99
C THR A 144 -2.31 -9.22 -8.10
N VAL A 145 -3.34 -8.95 -7.30
CA VAL A 145 -4.11 -7.70 -7.44
C VAL A 145 -4.05 -7.03 -6.12
N LEU A 146 -3.69 -5.75 -6.10
CA LEU A 146 -3.48 -5.04 -4.86
C LEU A 146 -4.56 -3.99 -4.80
N LYS A 147 -5.01 -3.76 -3.57
CA LYS A 147 -6.12 -2.85 -3.29
C LYS A 147 -5.82 -2.11 -2.06
N ILE A 148 -5.80 -0.79 -2.19
CA ILE A 148 -5.72 0.08 -1.03
C ILE A 148 -7.01 0.01 -0.16
N CYS A 149 -6.88 -0.14 1.16
CA CYS A 149 -7.98 0.20 2.06
C CYS A 149 -7.53 1.32 2.99
N ASP A 150 -8.51 1.83 3.73
CA ASP A 150 -8.33 2.90 4.74
C ASP A 150 -7.98 4.22 4.09
N PHE A 151 -8.60 4.44 2.92
CA PHE A 151 -8.65 5.75 2.28
C PHE A 151 -9.62 6.62 3.04
N GLY A 166 2.35 2.42 14.14
CA GLY A 166 3.74 2.74 13.86
C GLY A 166 3.87 2.93 12.35
N SER A 167 3.32 4.03 11.86
CA SER A 167 3.55 4.52 10.52
C SER A 167 4.85 5.28 10.33
N ALA A 168 5.64 5.48 11.35
CA ALA A 168 6.74 6.42 11.18
C ALA A 168 7.68 6.08 10.02
N ALA A 169 7.92 4.79 9.77
CA ALA A 169 8.94 4.41 8.75
C ALA A 169 8.57 4.73 7.28
N TRP A 170 7.26 4.91 7.03
CA TRP A 170 6.72 5.33 5.76
C TRP A 170 6.26 6.79 5.65
N MET A 171 6.28 7.52 6.76
CA MET A 171 5.85 8.91 6.78
C MET A 171 6.94 9.84 6.33
N ALA A 172 6.53 10.81 5.54
CA ALA A 172 7.38 11.85 5.01
C ALA A 172 7.74 12.84 6.11
N PRO A 173 8.96 13.30 6.11
CA PRO A 173 9.34 14.16 7.21
C PRO A 173 8.43 15.39 7.42
N GLU A 174 8.03 16.10 6.40
CA GLU A 174 7.12 17.22 6.63
C GLU A 174 5.82 16.91 7.40
N VAL A 175 5.33 15.67 7.40
CA VAL A 175 4.03 15.38 8.08
C VAL A 175 4.22 15.29 9.58
N PHE A 176 5.25 14.58 10.04
CA PHE A 176 5.48 14.43 11.49
C PHE A 176 6.05 15.74 12.03
N GLU A 177 6.91 16.38 11.22
CA GLU A 177 7.36 17.80 11.41
C GLU A 177 6.22 18.85 11.56
N GLY A 178 4.96 18.47 11.34
CA GLY A 178 3.86 19.40 11.45
C GLY A 178 3.79 20.54 10.44
N SER A 179 4.71 20.62 9.47
CA SER A 179 4.60 21.60 8.33
C SER A 179 3.42 21.17 7.45
N ASN A 180 2.57 22.11 7.02
CA ASN A 180 1.38 21.69 6.29
C ASN A 180 1.84 21.10 4.97
N TYR A 181 1.15 20.04 4.59
CA TYR A 181 1.62 19.08 3.64
C TYR A 181 0.65 18.93 2.47
N SER A 182 1.10 18.20 1.45
CA SER A 182 0.30 17.94 0.29
C SER A 182 0.18 16.44 0.01
N GLU A 183 -0.39 16.11 -1.13
CA GLU A 183 -0.31 14.77 -1.67
C GLU A 183 1.10 14.26 -1.95
N LYS A 184 2.09 15.12 -2.00
CA LYS A 184 3.44 14.58 -2.10
C LYS A 184 3.86 13.68 -0.95
N CYS A 185 3.12 13.66 0.15
CA CYS A 185 3.54 12.88 1.30
C CYS A 185 3.32 11.38 0.95
N ASP A 186 2.27 11.13 0.19
CA ASP A 186 1.97 9.82 -0.31
C ASP A 186 3.04 9.27 -1.26
N VAL A 187 3.64 10.17 -2.05
CA VAL A 187 4.74 9.81 -2.95
C VAL A 187 5.99 9.40 -2.18
N PHE A 188 6.24 10.07 -1.07
CA PHE A 188 7.27 9.61 -0.19
C PHE A 188 7.01 8.19 0.30
N SER A 189 5.80 7.94 0.75
CA SER A 189 5.45 6.63 1.30
C SER A 189 5.66 5.54 0.23
N TRP A 190 5.21 5.84 -0.97
CA TRP A 190 5.30 4.93 -2.08
C TRP A 190 6.76 4.64 -2.37
N GLY A 191 7.60 5.64 -2.30
CA GLY A 191 9.02 5.40 -2.45
C GLY A 191 9.56 4.34 -1.53
N ILE A 192 9.13 4.42 -0.27
CA ILE A 192 9.60 3.51 0.77
C ILE A 192 9.03 2.12 0.52
N ILE A 193 7.77 2.09 0.13
CA ILE A 193 7.15 0.84 -0.23
C ILE A 193 7.91 0.11 -1.37
N LEU A 194 8.33 0.85 -2.39
CA LEU A 194 9.04 0.28 -3.51
C LEU A 194 10.30 -0.37 -3.01
N TRP A 195 11.05 0.37 -2.18
CA TRP A 195 12.27 -0.18 -1.59
C TRP A 195 11.92 -1.43 -0.79
N GLU A 196 10.80 -1.42 -0.10
CA GLU A 196 10.45 -2.50 0.78
C GLU A 196 10.15 -3.79 0.07
N VAL A 197 9.36 -3.73 -0.99
CA VAL A 197 9.04 -4.89 -1.78
C VAL A 197 10.25 -5.43 -2.56
N ILE A 198 11.17 -4.57 -2.91
CA ILE A 198 12.28 -5.03 -3.67
C ILE A 198 13.25 -5.75 -2.76
N THR A 199 13.49 -5.20 -1.56
CA THR A 199 14.45 -5.80 -0.62
C THR A 199 13.84 -6.86 0.32
N ARG A 200 12.50 -6.95 0.38
CA ARG A 200 11.78 -7.70 1.43
C ARG A 200 12.33 -7.45 2.85
N ARG A 201 12.72 -6.23 3.14
CA ARG A 201 13.15 -5.81 4.49
C ARG A 201 12.18 -4.76 5.03
N LYS A 202 11.95 -4.76 6.34
CA LYS A 202 11.14 -3.71 6.97
C LYS A 202 11.96 -2.46 7.05
N PRO A 203 11.44 -1.36 6.54
CA PRO A 203 12.23 -0.12 6.53
C PRO A 203 12.55 0.38 7.93
N PHE A 204 13.84 0.72 8.12
CA PHE A 204 14.39 1.16 9.39
C PHE A 204 14.16 0.15 10.53
N ASP A 205 14.41 -1.14 10.28
CA ASP A 205 14.27 -2.14 11.34
C ASP A 205 15.46 -2.12 12.30
N GLU A 206 16.64 -1.81 11.74
CA GLU A 206 17.90 -1.60 12.46
C GLU A 206 17.78 -0.50 13.55
N ILE A 207 17.02 0.55 13.23
CA ILE A 207 16.84 1.70 14.10
C ILE A 207 15.89 1.33 15.22
N GLY A 208 14.70 0.86 14.83
CA GLY A 208 13.65 0.52 15.78
C GLY A 208 13.59 1.53 16.93
N GLY A 209 14.12 1.11 18.08
CA GLY A 209 13.76 1.70 19.37
C GLY A 209 12.30 2.09 19.35
N PRO A 210 11.96 3.24 19.94
CA PRO A 210 10.64 3.81 19.63
C PRO A 210 10.54 4.65 18.33
N ALA A 211 9.31 4.99 18.00
CA ALA A 211 9.00 5.73 16.78
C ALA A 211 9.85 7.00 16.55
N PHE A 212 9.97 7.83 17.59
CA PHE A 212 10.69 9.09 17.47
C PHE A 212 12.15 8.91 17.06
N ARG A 213 12.73 7.74 17.28
CA ARG A 213 14.09 7.51 16.78
C ARG A 213 14.16 7.52 15.23
N ILE A 214 13.07 7.03 14.64
CA ILE A 214 12.95 6.94 13.19
C ILE A 214 12.70 8.33 12.69
N MET A 215 11.60 8.93 13.19
CA MET A 215 11.27 10.36 12.90
C MET A 215 12.52 11.21 12.96
N TRP A 216 13.32 11.03 13.99
CA TRP A 216 14.46 11.88 14.15
C TRP A 216 15.37 11.60 13.00
N ALA A 217 15.64 10.32 12.74
CA ALA A 217 16.60 9.96 11.70
C ALA A 217 16.22 10.45 10.31
N VAL A 218 14.95 10.27 10.00
CA VAL A 218 14.45 10.58 8.68
C VAL A 218 14.42 12.07 8.50
N HIS A 219 13.91 12.75 9.51
CA HIS A 219 14.01 14.22 9.59
C HIS A 219 15.40 14.77 9.37
N ASN A 220 16.42 13.98 9.70
CA ASN A 220 17.82 14.28 9.39
C ASN A 220 18.37 13.82 8.06
N GLY A 221 17.52 13.41 7.13
CA GLY A 221 17.98 12.95 5.82
C GLY A 221 18.37 11.48 5.66
N THR A 222 18.22 10.70 6.72
CA THR A 222 18.44 9.25 6.66
C THR A 222 17.38 8.59 5.80
N ARG A 223 17.85 7.66 4.98
CA ARG A 223 16.96 6.96 4.08
C ARG A 223 17.36 5.51 4.01
N PRO A 224 16.46 4.66 3.48
CA PRO A 224 16.88 3.27 3.41
C PRO A 224 18.11 3.12 2.54
N PRO A 225 18.91 2.12 2.84
CA PRO A 225 20.08 1.88 2.06
C PRO A 225 19.80 1.57 0.62
N LEU A 226 20.71 2.02 -0.22
CA LEU A 226 20.68 1.65 -1.60
C LEU A 226 20.82 0.16 -1.76
N ILE A 227 20.45 -0.29 -2.96
CA ILE A 227 20.25 -1.68 -3.25
C ILE A 227 21.27 -2.08 -4.33
N LYS A 228 22.00 -3.20 -4.14
CA LYS A 228 23.04 -3.56 -5.09
C LYS A 228 22.35 -3.89 -6.35
N ASN A 229 22.81 -3.30 -7.45
CA ASN A 229 22.45 -3.77 -8.79
C ASN A 229 21.01 -3.43 -9.19
N LEU A 230 20.49 -2.42 -8.54
CA LEU A 230 19.15 -2.03 -8.83
C LEU A 230 19.25 -1.31 -10.17
N PRO A 231 18.35 -1.58 -11.09
CA PRO A 231 18.45 -0.81 -12.31
C PRO A 231 18.33 0.68 -12.05
N LYS A 232 19.19 1.45 -12.70
CA LYS A 232 19.31 2.90 -12.47
C LYS A 232 17.98 3.66 -12.60
N PRO A 233 17.12 3.30 -13.56
CA PRO A 233 15.88 4.06 -13.63
C PRO A 233 15.01 3.86 -12.43
N ILE A 234 15.03 2.67 -11.86
CA ILE A 234 14.22 2.41 -10.68
C ILE A 234 14.89 3.11 -9.50
N GLU A 235 16.21 3.09 -9.43
CA GLU A 235 16.86 3.83 -8.38
C GLU A 235 16.52 5.31 -8.47
N SER A 236 16.57 5.89 -9.67
CA SER A 236 16.28 7.34 -9.80
C SER A 236 14.93 7.61 -9.31
N LEU A 237 13.95 6.81 -9.69
CA LEU A 237 12.56 7.10 -9.29
C LEU A 237 12.40 7.04 -7.76
N MET A 238 13.03 6.03 -7.18
CA MET A 238 12.91 5.73 -5.78
C MET A 238 13.53 6.90 -5.00
N THR A 239 14.73 7.30 -5.39
CA THR A 239 15.41 8.38 -4.68
C THR A 239 14.74 9.75 -4.87
N ARG A 240 14.07 9.92 -5.99
CA ARG A 240 13.32 11.14 -6.29
C ARG A 240 12.03 11.21 -5.42
N CYS A 241 11.36 10.08 -5.22
CA CYS A 241 10.27 10.01 -4.24
C CYS A 241 10.67 10.31 -2.75
N TRP A 242 11.90 10.00 -2.37
CA TRP A 242 12.41 10.19 -1.02
C TRP A 242 12.87 11.62 -0.77
N SER A 243 12.87 12.50 -1.76
CA SER A 243 13.47 13.85 -1.54
C SER A 243 12.91 14.58 -0.33
N LYS A 244 13.78 15.22 0.46
CA LYS A 244 13.28 16.11 1.56
C LYS A 244 12.25 17.12 1.06
N ASP A 245 12.61 17.78 -0.02
CA ASP A 245 11.76 18.80 -0.59
C ASP A 245 10.60 18.14 -1.36
N PRO A 246 9.39 18.23 -0.82
CA PRO A 246 8.27 17.62 -1.47
C PRO A 246 8.17 17.97 -2.91
N SER A 247 8.45 19.21 -3.24
CA SER A 247 8.25 19.65 -4.65
C SER A 247 9.20 18.98 -5.66
N GLN A 248 10.33 18.43 -5.22
CA GLN A 248 11.21 17.63 -6.07
C GLN A 248 10.75 16.17 -6.29
N ARG A 249 9.65 15.77 -5.64
CA ARG A 249 9.13 14.41 -5.81
C ARG A 249 8.23 14.38 -7.00
N PRO A 250 8.21 13.27 -7.76
CA PRO A 250 7.23 13.20 -8.83
C PRO A 250 5.80 13.20 -8.37
N SER A 251 4.89 13.50 -9.26
CA SER A 251 3.50 13.31 -9.00
C SER A 251 3.16 11.84 -9.16
N MET A 252 2.03 11.39 -8.66
CA MET A 252 1.66 10.01 -8.88
C MET A 252 1.33 9.70 -10.32
N GLU A 253 0.83 10.70 -11.03
CA GLU A 253 0.40 10.52 -12.43
C GLU A 253 1.63 10.15 -13.23
N GLU A 254 2.77 10.65 -12.81
CA GLU A 254 3.97 10.47 -13.50
C GLU A 254 4.50 9.13 -13.07
N ILE A 255 4.55 8.84 -11.76
CA ILE A 255 4.91 7.50 -11.25
C ILE A 255 4.11 6.38 -11.98
N VAL A 256 2.82 6.55 -12.10
CA VAL A 256 2.06 5.59 -12.82
C VAL A 256 2.61 5.42 -14.24
N LYS A 257 2.86 6.49 -14.96
CA LYS A 257 3.22 6.22 -16.32
C LYS A 257 4.62 5.58 -16.47
N ILE A 258 5.57 5.99 -15.65
CA ILE A 258 6.85 5.34 -15.63
C ILE A 258 6.63 3.86 -15.29
N MET A 259 5.99 3.60 -14.18
CA MET A 259 5.81 2.22 -13.78
C MET A 259 5.13 1.35 -14.84
N THR A 260 4.06 1.89 -15.41
CA THR A 260 3.31 1.19 -16.45
C THR A 260 4.26 0.79 -17.56
N HIS A 261 5.14 1.71 -17.99
CA HIS A 261 6.10 1.44 -19.06
C HIS A 261 7.22 0.56 -18.70
N LEU A 262 7.59 0.53 -17.43
CA LEU A 262 8.59 -0.44 -17.03
C LEU A 262 8.02 -1.86 -17.05
N MET A 263 6.70 -2.05 -16.94
CA MET A 263 6.14 -3.39 -16.83
C MET A 263 6.40 -4.31 -18.02
N ARG A 264 6.69 -3.71 -19.16
CA ARG A 264 7.26 -4.41 -20.30
C ARG A 264 8.52 -5.20 -20.00
N TYR A 265 9.32 -4.80 -19.05
CA TYR A 265 10.47 -5.54 -18.68
C TYR A 265 10.26 -6.45 -17.42
N PHE A 266 9.02 -6.62 -17.01
CA PHE A 266 8.69 -7.41 -15.81
C PHE A 266 7.41 -8.21 -16.10
N PRO A 267 7.52 -9.13 -17.05
CA PRO A 267 6.36 -9.95 -17.37
C PRO A 267 6.12 -10.99 -16.29
N GLY A 268 4.91 -11.50 -16.23
CA GLY A 268 4.60 -12.57 -15.29
C GLY A 268 3.99 -12.18 -13.95
N ALA A 269 3.67 -10.90 -13.77
CA ALA A 269 3.00 -10.41 -12.58
C ALA A 269 1.59 -10.99 -12.30
N ASP A 270 0.96 -11.58 -13.30
CA ASP A 270 -0.33 -12.31 -13.15
C ASP A 270 -0.17 -13.73 -12.60
N GLU A 271 1.05 -14.19 -12.40
CA GLU A 271 1.31 -15.46 -11.74
C GLU A 271 0.96 -15.51 -10.25
N PRO A 272 -0.06 -16.30 -9.89
CA PRO A 272 -0.44 -16.28 -8.48
C PRO A 272 0.67 -16.72 -7.57
N LEU A 273 0.70 -16.22 -6.33
CA LEU A 273 1.69 -16.67 -5.34
C LEU A 273 1.34 -18.08 -4.91
N GLN A 274 2.32 -18.91 -4.75
CA GLN A 274 2.11 -20.36 -4.58
C GLN A 274 3.36 -21.12 -4.24
N TYR A 275 4.51 -20.62 -4.64
CA TYR A 275 5.73 -21.33 -4.37
C TYR A 275 6.20 -20.93 -2.97
N PRO A 276 6.81 -21.86 -2.25
CA PRO A 276 7.25 -21.56 -0.93
C PRO A 276 8.63 -20.86 -0.96
N CYS A 277 9.07 -20.41 0.20
CA CYS A 277 10.28 -19.61 0.31
C CYS A 277 10.74 -19.78 1.73
N GLN A 278 12.04 -20.01 1.92
CA GLN A 278 12.64 -19.92 3.26
C GLN A 278 13.71 -18.89 3.04
N HIS A 279 13.61 -17.87 3.86
CA HIS A 279 14.06 -16.56 3.52
C HIS A 279 14.81 -16.03 4.76
N SER A 280 16.04 -15.54 4.60
CA SER A 280 16.67 -14.73 5.67
C SER A 280 17.73 -13.71 5.16
N LEU A 281 18.10 -12.77 6.05
CA LEU A 281 18.73 -11.50 5.70
C LEU A 281 20.23 -11.40 6.07
N PRO A 282 21.09 -11.00 5.12
CA PRO A 282 22.49 -10.63 5.50
C PRO A 282 22.58 -9.54 6.59
N GLY A 287 26.77 -1.19 4.42
CA GLY A 287 26.67 -0.13 3.39
C GLY A 287 25.40 -0.13 2.50
N ARG A 288 25.03 -1.30 2.01
CA ARG A 288 24.19 -1.43 0.81
C ARG A 288 23.52 -2.81 0.94
N VAL A 289 22.40 -3.06 0.28
CA VAL A 289 21.71 -4.35 0.47
C VAL A 289 21.38 -5.05 -0.81
N GLU A 290 21.23 -6.35 -0.74
CA GLU A 290 20.90 -7.11 -1.90
C GLU A 290 19.40 -6.98 -2.04
N PRO A 291 18.93 -6.94 -3.27
CA PRO A 291 17.50 -7.08 -3.43
C PRO A 291 17.04 -8.49 -3.09
N TYR A 292 15.79 -8.65 -2.68
CA TYR A 292 15.23 -10.00 -2.60
C TYR A 292 14.93 -10.57 -4.01
N VAL A 293 14.26 -9.78 -4.81
CA VAL A 293 13.97 -10.09 -6.17
C VAL A 293 15.19 -9.99 -7.03
N ASP A 294 15.12 -10.65 -8.18
CA ASP A 294 16.23 -10.81 -9.12
C ASP A 294 15.96 -9.96 -10.38
N PHE A 295 16.94 -9.10 -10.73
CA PHE A 295 16.82 -8.19 -11.89
C PHE A 295 17.49 -8.68 -13.15
N ALA A 296 17.88 -9.93 -13.19
CA ALA A 296 18.58 -10.39 -14.38
C ALA A 296 17.68 -10.45 -15.66
N GLU A 297 16.44 -10.92 -15.51
CA GLU A 297 15.56 -11.03 -16.63
C GLU A 297 15.28 -9.60 -17.09
N PHE A 298 15.22 -8.64 -16.16
CA PHE A 298 15.01 -7.28 -16.58
C PHE A 298 16.19 -6.77 -17.45
N TYR A 299 17.42 -6.93 -16.98
CA TYR A 299 18.54 -6.46 -17.77
C TYR A 299 18.57 -7.17 -19.15
N ARG A 300 18.09 -8.40 -19.21
CA ARG A 300 18.03 -9.14 -20.48
C ARG A 300 17.04 -8.56 -21.47
N LEU A 301 15.79 -8.43 -21.03
CA LEU A 301 14.75 -7.89 -21.87
C LEU A 301 15.07 -6.47 -22.24
N TRP A 302 15.61 -5.72 -21.28
CA TRP A 302 16.04 -4.38 -21.56
C TRP A 302 17.12 -4.33 -22.66
N SER A 303 18.08 -5.26 -22.61
CA SER A 303 19.11 -5.38 -23.68
C SER A 303 18.61 -5.60 -25.07
N VAL A 304 17.64 -6.48 -25.20
CA VAL A 304 17.03 -6.75 -26.45
C VAL A 304 16.50 -5.49 -27.08
N ASP A 305 15.83 -4.69 -26.30
CA ASP A 305 15.25 -3.45 -26.81
C ASP A 305 16.24 -2.38 -27.17
N HIS A 306 17.35 -2.29 -26.47
CA HIS A 306 18.22 -1.13 -26.60
C HIS A 306 19.42 -1.74 -27.30
N GLY A 307 20.60 -1.69 -26.65
CA GLY A 307 21.69 -2.65 -26.86
C GLY A 307 22.54 -2.72 -25.60
C1 6V5 B . -6.79 -11.40 6.15
C2 6V5 B . -6.58 -10.25 6.92
C3 6V5 B . -7.35 -9.11 6.70
C4 6V5 B . -8.37 -9.12 5.68
C5 6V5 B . -8.55 -10.28 4.93
C6 6V5 B . -7.77 -11.40 5.17
C7 6V5 B . -5.97 -12.65 6.38
C12 6V5 B . -6.13 -7.48 8.12
C13 6V5 B . -6.63 -6.30 8.89
C14 6V5 B . -5.00 -7.12 7.23
C15 6V5 B . -6.29 -14.71 7.58
O8 6V5 B . -4.79 -12.50 6.60
N9 6V5 B . -6.56 -13.87 6.39
N10 6V5 B . -9.16 -7.94 5.49
O11 6V5 B . -7.31 -7.89 7.35
C16 6V5 B . -7.18 -15.99 7.61
N17 6V5 B . -7.03 -16.76 6.38
C18 6V5 B . -7.42 -15.91 5.25
C19 6V5 B . -6.52 -14.68 5.15
C20 6V5 B . -7.84 -18.02 6.42
C21 6V5 B . -10.05 -7.55 4.51
C22 6V5 B . -10.39 -6.10 4.58
O23 6V5 B . -10.49 -8.28 3.59
N24 6V5 B . -9.91 -5.30 5.61
C25 6V5 B . -10.27 -4.06 5.44
S26 6V5 B . -11.23 -3.77 4.03
C27 6V5 B . -11.12 -5.45 3.64
C28 6V5 B . -9.94 -2.94 6.32
C29 6V5 B . -8.96 -3.09 7.31
C30 6V5 B . -8.63 -2.03 8.14
C31 6V5 B . -9.28 -0.82 8.02
C32 6V5 B . -10.25 -0.64 7.02
C33 6V5 B . -10.56 -1.71 6.17
C34 6V5 B . -10.92 0.70 6.92
N35 6V5 B . -11.16 1.15 5.66
O36 6V5 B . -11.22 1.34 7.92
C37 6V5 B . -11.89 2.29 5.24
C38 6V5 B . -12.09 3.41 6.04
C39 6V5 B . -12.82 4.49 5.55
C40 6V5 B . -13.34 4.46 4.27
C41 6V5 B . -13.14 3.34 3.47
C42 6V5 B . -12.41 2.26 3.95
#